data_3F7W
#
_entry.id   3F7W
#
_cell.length_a   91.178
_cell.length_b   91.178
_cell.length_c   82.049
_cell.angle_alpha   90.000
_cell.angle_beta   90.000
_cell.angle_gamma   90.000
#
_symmetry.space_group_name_H-M   'P 43 21 2'
#
loop_
_entity.id
_entity.type
_entity.pdbx_description
1 polymer 'putative fructosamine-3-kinase'
2 non-polymer 'UNKNOWN LIGAND'
3 non-polymer 'CHLORIDE ION'
4 non-polymer 1,2-ETHANEDIOL
5 non-polymer DI(HYDROXYETHYL)ETHER
6 water water
#
_entity_poly.entity_id   1
_entity_poly.type   'polypeptide(L)'
_entity_poly.pdbx_seq_one_letter_code
;GVNSVAARVTELTGREVAAVAERGHSHRWHLYRVELADGTPLFVKALPDDAPALDGLFRAEALGLDWLGRSFGSPVPQVA
GWDDRTLA(MSE)EWVDERPPTPEAAERFGHQLAA(MSE)HLAGAESFGATWDGYIGPLP(MSE)DNTPRSTWPEFYAEQ
RILPYLRRAADRGALTPGDVRLVEKVLDALDHLAGDPEPPARIHGDLWNGNVLWQDDGAVVIDPAAHGGHREADLA
(MSE)LALFGLPYLDRVRDAYNEVAPLAEGWRARIPLHQLHPLLVHVCLFGAAYRTTLVDTARAALRA
;
_entity_poly.pdbx_strand_id   A
#
# COMPACT_ATOMS: atom_id res chain seq x y z
N GLY A 1 24.87 -2.32 -11.30
CA GLY A 1 24.62 -2.02 -9.85
C GLY A 1 25.59 -2.67 -8.85
N VAL A 2 25.50 -2.30 -7.57
N VAL A 2 25.66 -2.07 -7.65
CA VAL A 2 26.51 -2.67 -6.57
CA VAL A 2 26.54 -2.51 -6.57
C VAL A 2 27.01 -4.13 -6.51
C VAL A 2 26.63 -1.50 -5.40
N ASN A 3 28.32 -4.21 -6.33
N ASN A 3 25.90 -1.76 -4.33
CA ASN A 3 28.93 -5.42 -5.85
CA ASN A 3 26.26 -1.25 -3.01
C ASN A 3 28.47 -5.61 -4.40
C ASN A 3 26.80 -2.52 -2.37
N SER A 4 28.21 -4.51 -3.71
N SER A 4 27.49 -3.28 -3.22
CA SER A 4 27.63 -4.61 -2.36
CA SER A 4 27.65 -4.73 -3.06
C SER A 4 26.18 -5.15 -2.33
C SER A 4 26.28 -5.32 -2.70
N VAL A 5 25.33 -4.73 -3.28
N VAL A 5 25.27 -4.84 -3.42
CA VAL A 5 24.02 -5.37 -3.49
CA VAL A 5 23.95 -5.43 -3.41
C VAL A 5 24.15 -6.89 -3.65
C VAL A 5 24.07 -6.94 -3.70
N ALA A 6 25.00 -7.32 -4.58
CA ALA A 6 25.23 -8.74 -4.84
C ALA A 6 25.61 -9.50 -3.57
N ALA A 7 26.53 -8.94 -2.80
CA ALA A 7 26.98 -9.58 -1.57
C ALA A 7 25.84 -9.71 -0.57
N ARG A 8 25.07 -8.63 -0.39
CA ARG A 8 23.98 -8.60 0.59
C ARG A 8 22.89 -9.63 0.23
N VAL A 9 22.57 -9.72 -1.06
CA VAL A 9 21.58 -10.70 -1.54
C VAL A 9 22.05 -12.13 -1.30
N THR A 10 23.28 -12.43 -1.64
CA THR A 10 23.79 -13.77 -1.37
C THR A 10 23.74 -14.12 0.12
N GLU A 11 24.12 -13.19 0.97
N GLU A 11 24.12 -13.18 0.97
CA GLU A 11 24.06 -13.42 2.41
CA GLU A 11 24.06 -13.36 2.42
C GLU A 11 22.63 -13.69 2.86
C GLU A 11 22.64 -13.68 2.86
N LEU A 12 21.68 -12.91 2.35
CA LEU A 12 20.29 -12.99 2.80
C LEU A 12 19.54 -14.18 2.24
N THR A 13 19.88 -14.62 1.03
CA THR A 13 19.17 -15.73 0.36
C THR A 13 19.89 -17.05 0.33
N GLY A 14 21.19 -17.02 0.59
CA GLY A 14 22.05 -18.18 0.47
C GLY A 14 22.34 -18.61 -0.97
N ARG A 15 21.92 -17.81 -1.94
CA ARG A 15 22.04 -18.17 -3.35
C ARG A 15 23.12 -17.32 -4.03
N GLU A 16 23.81 -17.91 -5.00
CA GLU A 16 24.86 -17.23 -5.75
C GLU A 16 24.26 -16.19 -6.71
N VAL A 17 24.81 -14.97 -6.74
CA VAL A 17 24.35 -13.88 -7.63
C VAL A 17 25.21 -13.82 -8.92
N ALA A 18 24.57 -13.88 -10.07
CA ALA A 18 25.25 -13.82 -11.38
C ALA A 18 25.29 -12.41 -11.97
N ALA A 19 24.32 -11.56 -11.63
CA ALA A 19 24.24 -10.21 -12.22
C ALA A 19 23.41 -9.28 -11.37
N VAL A 20 23.73 -7.98 -11.47
CA VAL A 20 22.96 -6.90 -10.85
C VAL A 20 22.78 -5.75 -11.85
N ALA A 21 21.55 -5.29 -12.04
CA ALA A 21 21.27 -4.16 -12.93
C ALA A 21 20.48 -3.10 -12.17
N GLU A 22 20.80 -1.82 -12.39
CA GLU A 22 20.07 -0.73 -11.72
C GLU A 22 18.68 -0.55 -12.33
N ARG A 23 17.67 -0.32 -11.48
CA ARG A 23 16.31 -0.07 -11.94
C ARG A 23 15.74 1.18 -11.28
N GLY A 24 16.61 2.15 -10.98
CA GLY A 24 16.15 3.45 -10.47
C GLY A 24 16.08 3.54 -8.95
N HIS A 25 15.19 4.40 -8.45
CA HIS A 25 15.12 4.72 -7.03
C HIS A 25 13.69 5.01 -6.63
N SER A 26 13.41 4.88 -5.35
CA SER A 26 12.12 5.27 -4.80
C SER A 26 12.39 5.85 -3.41
N HIS A 27 11.87 7.04 -3.16
CA HIS A 27 12.09 7.73 -1.90
C HIS A 27 13.58 7.70 -1.58
N ARG A 28 13.94 6.95 -0.54
N ARG A 28 14.02 7.03 -0.52
CA ARG A 28 15.28 6.96 0.06
CA ARG A 28 15.47 7.09 -0.19
C ARG A 28 16.12 5.72 -0.32
C ARG A 28 16.23 5.80 -0.49
N TRP A 29 15.60 4.85 -1.18
CA TRP A 29 16.27 3.58 -1.50
C TRP A 29 16.39 3.36 -3.01
N HIS A 30 17.29 2.46 -3.37
CA HIS A 30 17.62 2.17 -4.73
C HIS A 30 17.01 0.84 -5.16
N LEU A 31 16.72 0.70 -6.46
CA LEU A 31 16.05 -0.49 -7.00
C LEU A 31 16.95 -1.23 -7.97
N TYR A 32 16.85 -2.57 -7.96
CA TYR A 32 17.71 -3.40 -8.77
C TYR A 32 16.96 -4.64 -9.26
N ARG A 33 17.35 -5.10 -10.44
CA ARG A 33 17.10 -6.47 -10.88
C ARG A 33 18.36 -7.29 -10.64
N VAL A 34 18.24 -8.33 -9.83
CA VAL A 34 19.39 -9.17 -9.46
C VAL A 34 19.10 -10.58 -9.96
N GLU A 35 20.07 -11.15 -10.68
CA GLU A 35 19.89 -12.47 -11.26
C GLU A 35 20.79 -13.47 -10.56
N LEU A 36 20.19 -14.57 -10.13
CA LEU A 36 20.93 -15.64 -9.46
C LEU A 36 21.61 -16.51 -10.49
N ALA A 37 22.46 -17.42 -10.01
CA ALA A 37 23.26 -18.29 -10.89
C ALA A 37 22.41 -19.15 -11.82
N ASP A 38 21.24 -19.57 -11.38
CA ASP A 38 20.35 -20.39 -12.23
C ASP A 38 19.42 -19.59 -13.12
N GLY A 39 19.62 -18.26 -13.19
CA GLY A 39 18.76 -17.41 -13.99
C GLY A 39 17.60 -16.78 -13.24
N THR A 40 17.34 -17.20 -11.99
CA THR A 40 16.20 -16.66 -11.24
C THR A 40 16.37 -15.15 -11.03
N PRO A 41 15.39 -14.35 -11.47
CA PRO A 41 15.51 -12.93 -11.23
C PRO A 41 14.80 -12.52 -9.93
N LEU A 42 15.37 -11.51 -9.29
CA LEU A 42 14.88 -10.94 -8.06
C LEU A 42 14.77 -9.44 -8.20
N PHE A 43 13.73 -8.88 -7.60
CA PHE A 43 13.58 -7.43 -7.45
C PHE A 43 14.14 -7.10 -6.06
N VAL A 44 15.08 -6.17 -6.02
CA VAL A 44 15.79 -5.86 -4.76
C VAL A 44 15.72 -4.36 -4.50
N LYS A 45 15.27 -4.00 -3.30
CA LYS A 45 15.35 -2.63 -2.77
C LYS A 45 16.50 -2.61 -1.80
N ALA A 46 17.26 -1.54 -1.82
CA ALA A 46 18.41 -1.43 -0.92
C ALA A 46 18.68 0.02 -0.56
N LEU A 47 18.86 0.27 0.73
CA LEU A 47 19.40 1.51 1.20
C LEU A 47 20.91 1.52 0.91
N PRO A 48 21.49 2.68 0.67
CA PRO A 48 22.94 2.68 0.46
C PRO A 48 23.66 2.18 1.70
N ASP A 49 24.87 1.70 1.46
N ASP A 49 24.77 1.43 1.57
CA ASP A 49 25.80 1.39 2.50
CA ASP A 49 25.36 0.59 2.66
C ASP A 49 26.04 2.60 3.37
C ASP A 49 25.38 1.19 4.08
N ASP A 50 25.88 2.37 4.67
N ASP A 50 25.74 2.47 4.16
CA ASP A 50 26.12 3.35 5.70
CA ASP A 50 26.02 3.16 5.44
C ASP A 50 25.04 4.41 5.91
C ASP A 50 25.15 4.39 5.74
N ALA A 51 24.03 4.47 5.03
CA ALA A 51 23.06 5.57 5.15
C ALA A 51 22.16 5.33 6.35
N PRO A 52 21.77 6.39 7.05
CA PRO A 52 20.86 6.22 8.17
C PRO A 52 19.51 5.96 7.57
N ALA A 53 18.73 5.13 8.22
CA ALA A 53 17.47 4.67 7.68
C ALA A 53 16.39 4.72 8.76
N LEU A 54 15.15 4.88 8.31
CA LEU A 54 14.00 4.90 9.20
C LEU A 54 13.83 3.60 9.94
N ASP A 55 13.62 3.70 11.25
N ASP A 55 13.67 3.67 11.25
CA ASP A 55 13.37 2.55 12.15
CA ASP A 55 13.50 2.46 12.02
C ASP A 55 12.22 1.60 11.72
C ASP A 55 12.30 1.65 11.53
N GLY A 56 12.53 0.37 11.26
CA GLY A 56 11.47 -0.57 10.94
C GLY A 56 10.84 -0.40 9.57
N LEU A 57 11.45 0.42 8.72
CA LEU A 57 10.88 0.69 7.40
C LEU A 57 10.79 -0.58 6.52
N PHE A 58 11.94 -1.20 6.32
CA PHE A 58 11.97 -2.41 5.49
C PHE A 58 11.20 -3.55 6.16
N ARG A 59 11.31 -3.63 7.48
N ARG A 59 11.29 -3.64 7.49
CA ARG A 59 10.56 -4.62 8.25
CA ARG A 59 10.56 -4.64 8.26
C ARG A 59 9.06 -4.56 7.95
C ARG A 59 9.06 -4.56 7.99
N ALA A 60 8.51 -3.35 7.88
CA ALA A 60 7.08 -3.19 7.65
C ALA A 60 6.66 -3.83 6.32
N GLU A 61 7.49 -3.64 5.30
CA GLU A 61 7.21 -4.22 3.99
C GLU A 61 7.45 -5.77 4.02
N ALA A 62 8.56 -6.22 4.59
CA ALA A 62 8.86 -7.68 4.62
C ALA A 62 7.73 -8.42 5.37
N LEU A 63 7.37 -7.91 6.55
CA LEU A 63 6.32 -8.53 7.36
C LEU A 63 4.97 -8.40 6.69
N GLY A 64 4.74 -7.24 6.07
CA GLY A 64 3.47 -7.00 5.39
C GLY A 64 3.31 -7.91 4.18
N LEU A 65 4.39 -8.11 3.43
CA LEU A 65 4.35 -9.04 2.29
C LEU A 65 4.06 -10.48 2.75
N ASP A 66 4.70 -10.89 3.85
CA ASP A 66 4.49 -12.25 4.37
C ASP A 66 3.06 -12.45 4.80
N TRP A 67 2.54 -11.46 5.50
CA TRP A 67 1.21 -11.52 6.06
C TRP A 67 0.13 -11.44 5.00
N LEU A 68 0.31 -10.55 4.04
CA LEU A 68 -0.66 -10.36 3.00
C LEU A 68 -0.68 -11.50 1.99
N GLY A 69 0.41 -12.27 1.93
CA GLY A 69 0.62 -13.23 0.87
C GLY A 69 0.01 -14.61 1.10
N ARG A 70 -0.68 -14.78 2.23
N ARG A 70 -0.74 -14.79 2.19
CA ARG A 70 -1.23 -16.08 2.62
CA ARG A 70 -1.14 -16.11 2.63
C ARG A 70 -2.71 -16.15 2.21
C ARG A 70 -2.35 -16.75 1.87
N SER A 71 -2.93 -16.03 0.91
CA SER A 71 -4.22 -16.43 0.33
C SER A 71 -4.10 -17.20 -0.97
N PHE A 72 -5.18 -17.85 -1.36
CA PHE A 72 -5.21 -18.67 -2.60
C PHE A 72 -5.05 -17.75 -3.81
N GLY A 73 -4.16 -18.12 -4.74
CA GLY A 73 -3.85 -17.29 -5.91
C GLY A 73 -3.32 -15.93 -5.54
N SER A 74 -2.59 -15.86 -4.42
CA SER A 74 -2.07 -14.62 -3.91
C SER A 74 -1.41 -13.79 -5.01
N PRO A 75 -1.74 -12.50 -5.09
CA PRO A 75 -1.05 -11.61 -6.03
C PRO A 75 0.22 -10.97 -5.42
N VAL A 76 0.67 -11.43 -4.25
CA VAL A 76 1.77 -10.81 -3.51
C VAL A 76 3.09 -11.52 -3.87
N PRO A 77 4.14 -10.77 -4.19
CA PRO A 77 5.44 -11.45 -4.43
C PRO A 77 6.01 -12.13 -3.20
N GLN A 78 6.71 -13.24 -3.42
CA GLN A 78 7.43 -13.95 -2.37
C GLN A 78 8.74 -13.22 -2.06
N VAL A 79 9.09 -13.20 -0.79
CA VAL A 79 10.31 -12.56 -0.33
C VAL A 79 11.40 -13.63 -0.28
N ALA A 80 12.54 -13.34 -0.89
CA ALA A 80 13.70 -14.24 -0.91
C ALA A 80 14.57 -13.99 0.33
N GLY A 81 14.58 -12.76 0.81
CA GLY A 81 15.36 -12.42 2.01
C GLY A 81 15.27 -10.96 2.34
N TRP A 82 15.54 -10.60 3.59
CA TRP A 82 15.51 -9.21 3.97
C TRP A 82 16.26 -8.92 5.26
N ASP A 83 16.62 -7.66 5.41
CA ASP A 83 17.08 -7.11 6.68
C ASP A 83 16.71 -5.65 6.69
N ASP A 84 17.19 -4.89 7.67
N ASP A 84 17.20 -4.91 7.67
CA ASP A 84 16.74 -3.49 7.78
CA ASP A 84 16.80 -3.51 7.81
C ASP A 84 17.25 -2.62 6.62
C ASP A 84 17.27 -2.62 6.65
N ARG A 85 18.19 -3.14 5.84
CA ARG A 85 18.82 -2.36 4.72
C ARG A 85 18.40 -2.83 3.31
N THR A 86 17.85 -4.05 3.22
CA THR A 86 17.76 -4.79 1.95
C THR A 86 16.48 -5.62 1.94
N LEU A 87 15.78 -5.63 0.81
CA LEU A 87 14.61 -6.46 0.64
C LEU A 87 14.68 -7.05 -0.78
N ALA A 88 14.76 -8.39 -0.84
CA ALA A 88 14.89 -9.17 -2.09
C ALA A 88 13.63 -10.02 -2.25
N GLU A 90 10.66 -11.80 -5.37
CA GLU A 90 10.34 -12.26 -6.71
C GLU A 90 10.28 -11.10 -7.72
N TRP A 91 10.95 -11.26 -8.86
CA TRP A 91 10.89 -10.31 -9.96
C TRP A 91 9.67 -10.61 -10.84
N VAL A 92 8.96 -9.56 -11.20
CA VAL A 92 7.76 -9.66 -12.04
C VAL A 92 8.08 -9.01 -13.38
N ASP A 93 7.82 -9.76 -14.45
CA ASP A 93 7.89 -9.18 -15.81
C ASP A 93 6.48 -8.80 -16.24
N GLU A 94 6.26 -7.51 -16.34
CA GLU A 94 4.92 -6.98 -16.58
C GLU A 94 4.44 -7.31 -17.98
N ARG A 95 3.13 -7.37 -18.11
CA ARG A 95 2.44 -7.66 -19.35
C ARG A 95 1.39 -6.59 -19.50
N PRO A 96 0.95 -6.33 -20.75
CA PRO A 96 -0.15 -5.40 -20.93
C PRO A 96 -1.42 -5.90 -20.22
N PRO A 97 -2.24 -4.97 -19.71
CA PRO A 97 -3.50 -5.35 -19.08
C PRO A 97 -4.45 -5.96 -20.09
N THR A 98 -5.20 -6.95 -19.64
CA THR A 98 -6.23 -7.60 -20.45
C THR A 98 -7.47 -7.80 -19.60
N PRO A 99 -8.65 -7.86 -20.24
CA PRO A 99 -9.88 -8.10 -19.48
C PRO A 99 -9.89 -9.48 -18.77
N GLU A 100 -9.26 -10.48 -19.36
CA GLU A 100 -9.14 -11.80 -18.75
C GLU A 100 -8.35 -11.77 -17.44
N ALA A 101 -7.23 -11.05 -17.47
CA ALA A 101 -6.39 -10.87 -16.28
C ALA A 101 -7.13 -10.06 -15.23
N ALA A 102 -7.93 -9.09 -15.68
CA ALA A 102 -8.68 -8.23 -14.78
C ALA A 102 -9.70 -9.03 -13.96
N GLU A 103 -10.45 -9.90 -14.63
CA GLU A 103 -11.38 -10.77 -13.91
C GLU A 103 -10.66 -11.64 -12.90
N ARG A 104 -9.52 -12.17 -13.30
CA ARG A 104 -8.78 -13.07 -12.42
C ARG A 104 -8.23 -12.27 -11.22
N PHE A 105 -7.78 -11.04 -11.47
CA PHE A 105 -7.24 -10.19 -10.41
C PHE A 105 -8.32 -9.83 -9.38
N GLY A 106 -9.55 -9.62 -9.83
CA GLY A 106 -10.69 -9.40 -8.93
C GLY A 106 -10.83 -10.53 -7.92
N HIS A 107 -10.78 -11.75 -8.40
CA HIS A 107 -10.82 -12.92 -7.52
C HIS A 107 -9.64 -12.99 -6.54
N GLN A 108 -8.44 -12.71 -7.05
CA GLN A 108 -7.23 -12.69 -6.25
C GLN A 108 -7.34 -11.73 -5.09
N LEU A 109 -7.81 -10.52 -5.37
CA LEU A 109 -7.97 -9.50 -4.35
C LEU A 109 -9.01 -9.86 -3.29
N ALA A 110 -10.14 -10.42 -3.73
CA ALA A 110 -11.16 -10.89 -2.80
C ALA A 110 -10.58 -11.92 -1.81
N ALA A 111 -9.84 -12.90 -2.30
CA ALA A 111 -9.28 -13.94 -1.43
C ALA A 111 -8.25 -13.35 -0.46
N HIS A 113 -8.16 -10.15 0.67
CA HIS A 113 -8.90 -9.41 1.71
C HIS A 113 -9.57 -10.33 2.74
N LEU A 114 -10.21 -11.39 2.26
CA LEU A 114 -11.01 -12.28 3.12
C LEU A 114 -10.19 -13.27 3.96
N ALA A 115 -8.88 -13.31 3.76
CA ALA A 115 -7.99 -13.96 4.72
C ALA A 115 -8.24 -13.37 6.12
N GLY A 116 -8.62 -12.09 6.16
CA GLY A 116 -9.11 -11.47 7.37
C GLY A 116 -8.03 -11.12 8.38
N ALA A 117 -8.38 -10.31 9.35
CA ALA A 117 -7.43 -9.86 10.35
C ALA A 117 -8.10 -9.84 11.72
N GLU A 118 -7.28 -9.96 12.75
CA GLU A 118 -7.76 -10.02 14.12
C GLU A 118 -8.28 -8.65 14.53
N SER A 119 -7.64 -7.60 14.03
CA SER A 119 -8.02 -6.24 14.34
C SER A 119 -7.63 -5.33 13.17
N PHE A 120 -8.08 -4.09 13.25
CA PHE A 120 -7.55 -3.03 12.41
C PHE A 120 -6.12 -2.73 12.87
N GLY A 121 -5.23 -2.38 11.93
CA GLY A 121 -3.85 -2.13 12.24
C GLY A 121 -2.99 -3.37 12.02
N ALA A 122 -1.90 -3.46 12.77
CA ALA A 122 -0.94 -4.56 12.61
C ALA A 122 -0.02 -4.66 13.83
N THR A 123 0.72 -5.76 13.94
CA THR A 123 1.59 -5.98 15.08
C THR A 123 2.95 -5.30 14.89
N TRP A 124 3.24 -4.80 13.69
CA TRP A 124 4.49 -4.11 13.40
C TRP A 124 4.22 -2.62 13.14
N ASP A 125 5.22 -1.77 13.37
CA ASP A 125 5.08 -0.34 13.12
C ASP A 125 4.96 -0.07 11.64
N GLY A 126 4.04 0.81 11.25
CA GLY A 126 3.78 1.03 9.85
C GLY A 126 4.41 2.23 9.21
N TYR A 127 4.47 2.18 7.88
CA TYR A 127 4.88 3.29 7.04
C TYR A 127 3.97 3.37 5.83
N ILE A 128 3.83 4.61 5.35
CA ILE A 128 3.20 4.89 4.08
C ILE A 128 4.20 5.81 3.38
N GLY A 129 4.86 5.27 2.36
CA GLY A 129 6.13 5.80 1.87
C GLY A 129 7.11 5.96 3.02
N PRO A 130 7.74 7.13 3.15
CA PRO A 130 8.63 7.41 4.27
C PRO A 130 7.91 7.93 5.53
N LEU A 131 6.58 8.11 5.49
CA LEU A 131 5.88 8.65 6.64
C LEU A 131 5.47 7.55 7.59
N PRO A 132 5.60 7.78 8.90
CA PRO A 132 5.00 6.83 9.85
C PRO A 132 3.50 6.65 9.60
N ASP A 134 0.36 4.71 11.75
CA ASP A 134 0.07 4.15 13.08
C ASP A 134 -0.77 2.90 12.97
N ASN A 135 -0.12 1.77 13.28
CA ASN A 135 -0.70 0.46 13.17
C ASN A 135 -1.25 -0.07 14.48
N THR A 136 -1.30 0.77 15.51
CA THR A 136 -1.87 0.37 16.82
C THR A 136 -3.16 -0.38 16.60
N PRO A 137 -3.23 -1.63 17.07
CA PRO A 137 -4.46 -2.40 16.87
C PRO A 137 -5.67 -1.74 17.48
N ARG A 138 -6.79 -1.78 16.75
CA ARG A 138 -8.06 -1.20 17.17
C ARG A 138 -9.19 -2.12 16.74
N SER A 139 -10.29 -2.07 17.47
CA SER A 139 -11.36 -3.03 17.25
C SER A 139 -12.48 -2.50 16.35
N THR A 140 -12.57 -1.18 16.17
CA THR A 140 -13.65 -0.56 15.41
C THR A 140 -13.08 0.39 14.34
N TRP A 141 -13.69 0.39 13.16
CA TRP A 141 -13.13 1.14 12.05
C TRP A 141 -13.19 2.69 12.17
N PRO A 142 -14.35 3.27 12.55
CA PRO A 142 -14.39 4.74 12.55
C PRO A 142 -13.31 5.37 13.42
N GLU A 143 -13.10 4.82 14.60
CA GLU A 143 -12.04 5.34 15.49
C GLU A 143 -10.63 5.13 14.91
N PHE A 144 -10.38 3.94 14.42
CA PHE A 144 -9.14 3.65 13.75
C PHE A 144 -8.87 4.62 12.59
N TYR A 145 -9.87 4.83 11.73
CA TYR A 145 -9.68 5.64 10.54
C TYR A 145 -9.42 7.10 10.93
N ALA A 146 -10.30 7.65 11.77
CA ALA A 146 -10.17 9.04 12.21
C ALA A 146 -8.81 9.29 12.88
N GLU A 147 -8.46 8.48 13.87
CA GLU A 147 -7.34 8.77 14.76
C GLU A 147 -5.99 8.33 14.19
N GLN A 148 -6.00 7.26 13.40
CA GLN A 148 -4.78 6.66 12.85
C GLN A 148 -4.57 6.79 11.33
N ARG A 149 -5.64 7.11 10.58
CA ARG A 149 -5.53 7.25 9.14
C ARG A 149 -5.81 8.66 8.59
N ILE A 150 -6.53 9.49 9.36
CA ILE A 150 -6.89 10.83 8.92
C ILE A 150 -6.16 11.92 9.70
N LEU A 151 -6.39 11.96 11.02
CA LEU A 151 -5.94 13.11 11.82
C LEU A 151 -4.42 13.37 11.72
N PRO A 152 -3.60 12.31 11.85
CA PRO A 152 -2.16 12.58 11.80
C PRO A 152 -1.69 13.30 10.52
N TYR A 153 -2.24 12.94 9.36
CA TYR A 153 -1.83 13.53 8.07
C TYR A 153 -2.48 14.89 7.87
N LEU A 154 -3.71 15.04 8.35
CA LEU A 154 -4.39 16.34 8.36
C LEU A 154 -3.58 17.39 9.14
N ARG A 155 -3.16 17.04 10.35
N ARG A 155 -3.17 17.04 10.35
CA ARG A 155 -2.37 17.94 11.18
CA ARG A 155 -2.38 17.94 11.19
C ARG A 155 -1.03 18.24 10.55
C ARG A 155 -1.00 18.23 10.58
N ARG A 156 -0.39 17.23 9.98
CA ARG A 156 0.91 17.42 9.33
C ARG A 156 0.79 18.39 8.14
N ALA A 157 -0.20 18.18 7.28
CA ALA A 157 -0.40 19.02 6.11
C ALA A 157 -0.75 20.47 6.53
N ALA A 158 -1.56 20.60 7.57
CA ALA A 158 -1.91 21.93 8.09
C ALA A 158 -0.65 22.63 8.62
N ASP A 159 0.17 21.90 9.37
N ASP A 159 0.16 21.90 9.36
CA ASP A 159 1.42 22.44 9.91
CA ASP A 159 1.41 22.42 9.91
C ASP A 159 2.37 22.94 8.81
C ASP A 159 2.37 22.93 8.82
N ARG A 160 2.42 22.21 7.70
CA ARG A 160 3.28 22.56 6.57
C ARG A 160 2.65 23.65 5.71
N GLY A 161 1.41 24.02 6.01
CA GLY A 161 0.73 25.09 5.31
C GLY A 161 0.18 24.70 3.96
N ALA A 162 0.03 23.40 3.71
CA ALA A 162 -0.55 22.87 2.49
C ALA A 162 -2.07 22.92 2.55
N LEU A 163 -2.62 22.94 3.76
CA LEU A 163 -4.06 23.00 3.96
C LEU A 163 -4.38 24.19 4.85
N THR A 164 -5.51 24.85 4.57
CA THR A 164 -5.94 26.04 5.33
C THR A 164 -6.77 25.61 6.55
N PRO A 165 -6.99 26.54 7.50
CA PRO A 165 -7.88 26.19 8.61
C PRO A 165 -9.31 25.77 8.19
N GLY A 166 -9.79 26.34 7.09
CA GLY A 166 -11.09 25.98 6.49
C GLY A 166 -11.08 24.57 5.90
N ASP A 167 -9.99 24.21 5.24
CA ASP A 167 -9.77 22.82 4.78
C ASP A 167 -9.81 21.84 5.94
N VAL A 168 -9.09 22.16 7.02
CA VAL A 168 -9.07 21.33 8.21
C VAL A 168 -10.47 21.18 8.82
N ARG A 169 -11.18 22.29 8.95
CA ARG A 169 -12.56 22.23 9.45
C ARG A 169 -13.48 21.38 8.57
N LEU A 170 -13.29 21.46 7.26
CA LEU A 170 -14.05 20.63 6.32
C LEU A 170 -13.80 19.15 6.55
N VAL A 171 -12.54 18.75 6.71
CA VAL A 171 -12.24 17.34 6.97
C VAL A 171 -12.78 16.94 8.36
N GLU A 172 -12.72 17.87 9.31
CA GLU A 172 -13.23 17.58 10.65
C GLU A 172 -14.76 17.37 10.67
N LYS A 173 -15.49 18.03 9.77
CA LYS A 173 -16.92 17.77 9.57
C LYS A 173 -17.20 16.33 9.17
N VAL A 174 -16.36 15.77 8.28
CA VAL A 174 -16.53 14.40 7.88
C VAL A 174 -16.33 13.48 9.08
N LEU A 175 -15.26 13.73 9.84
CA LEU A 175 -14.95 12.92 11.02
C LEU A 175 -16.08 12.96 12.05
N ASP A 176 -16.66 14.14 12.23
CA ASP A 176 -17.77 14.30 13.17
C ASP A 176 -19.02 13.55 12.72
N ALA A 177 -19.12 13.29 11.40
CA ALA A 177 -20.26 12.60 10.80
C ALA A 177 -19.96 11.13 10.53
N LEU A 178 -18.77 10.70 10.93
CA LEU A 178 -18.23 9.42 10.51
C LEU A 178 -19.06 8.23 10.96
N ASP A 179 -19.66 8.29 12.15
N ASP A 179 -19.67 8.35 12.14
CA ASP A 179 -20.41 7.11 12.63
CA ASP A 179 -20.50 7.27 12.64
C ASP A 179 -21.79 6.98 11.95
C ASP A 179 -21.57 6.92 11.61
N HIS A 180 -22.15 7.93 11.09
N HIS A 180 -22.24 7.95 11.07
CA HIS A 180 -23.20 7.69 10.08
CA HIS A 180 -23.29 7.71 10.07
C HIS A 180 -22.57 7.31 8.74
C HIS A 180 -22.82 7.69 8.60
N LEU A 181 -21.58 8.08 8.33
CA LEU A 181 -20.99 7.93 6.98
C LEU A 181 -20.33 6.56 6.76
N ALA A 182 -19.83 5.95 7.84
CA ALA A 182 -19.09 4.69 7.79
C ALA A 182 -19.82 3.49 7.18
N GLY A 183 -21.15 3.47 7.21
CA GLY A 183 -21.85 2.23 6.85
C GLY A 183 -21.79 1.28 8.04
N ASP A 184 -21.99 -0.02 7.80
CA ASP A 184 -22.12 -0.95 8.92
C ASP A 184 -20.81 -1.66 9.22
N PRO A 185 -20.55 -1.94 10.51
CA PRO A 185 -19.36 -2.69 10.90
C PRO A 185 -19.25 -3.99 10.13
N GLU A 186 -18.05 -4.28 9.64
CA GLU A 186 -17.72 -5.59 9.09
C GLU A 186 -16.28 -5.95 9.51
N PRO A 187 -15.92 -7.24 9.43
CA PRO A 187 -14.60 -7.60 9.93
C PRO A 187 -13.45 -6.92 9.17
N PRO A 188 -12.34 -6.66 9.87
CA PRO A 188 -11.16 -6.12 9.19
C PRO A 188 -10.67 -7.08 8.11
N ALA A 189 -10.24 -6.50 6.98
CA ALA A 189 -9.66 -7.22 5.86
C ALA A 189 -8.12 -7.10 5.90
N ARG A 190 -7.44 -8.05 5.26
CA ARG A 190 -6.02 -7.93 5.00
C ARG A 190 -5.85 -7.08 3.76
N ILE A 191 -5.58 -5.80 3.95
CA ILE A 191 -5.47 -4.88 2.82
C ILE A 191 -4.05 -4.52 2.47
N HIS A 192 -3.86 -4.24 1.19
CA HIS A 192 -2.58 -3.80 0.64
C HIS A 192 -2.14 -2.43 1.24
N GLY A 193 -3.07 -1.48 1.27
CA GLY A 193 -2.87 -0.17 1.91
C GLY A 193 -2.36 0.95 1.03
N ASP A 194 -1.89 0.64 -0.18
CA ASP A 194 -1.46 1.62 -1.17
C ASP A 194 -1.72 1.12 -2.59
N LEU A 195 -2.94 0.66 -2.84
CA LEU A 195 -3.25 -0.05 -4.06
C LEU A 195 -3.75 0.88 -5.16
N TRP A 196 -2.83 1.67 -5.70
CA TRP A 196 -3.11 2.45 -6.92
C TRP A 196 -2.44 1.75 -8.10
N ASN A 197 -2.75 2.21 -9.32
CA ASN A 197 -2.41 1.46 -10.54
C ASN A 197 -0.92 1.14 -10.71
N GLY A 198 -0.07 2.01 -10.18
CA GLY A 198 1.38 1.85 -10.29
C GLY A 198 1.91 0.73 -9.39
N ASN A 199 1.09 0.28 -8.46
CA ASN A 199 1.43 -0.85 -7.60
C ASN A 199 0.75 -2.15 -8.02
N VAL A 200 0.15 -2.13 -9.20
CA VAL A 200 -0.45 -3.30 -9.86
C VAL A 200 0.35 -3.60 -11.12
N LEU A 201 1.01 -4.75 -11.11
CA LEU A 201 1.80 -5.22 -12.24
C LEU A 201 1.03 -6.35 -12.92
N TRP A 202 0.56 -6.04 -14.12
CA TRP A 202 -0.27 -6.97 -14.86
C TRP A 202 0.53 -8.18 -15.37
N GLN A 203 -0.16 -9.31 -15.34
CA GLN A 203 0.33 -10.60 -15.82
C GLN A 203 -0.70 -11.15 -16.80
N ASP A 204 -0.39 -12.26 -17.46
CA ASP A 204 -1.35 -12.89 -18.37
C ASP A 204 -2.55 -13.44 -17.64
N ASP A 205 -2.36 -13.84 -16.38
CA ASP A 205 -3.36 -14.62 -15.65
C ASP A 205 -3.86 -13.91 -14.39
N GLY A 206 -3.74 -12.60 -14.34
CA GLY A 206 -4.06 -11.84 -13.13
C GLY A 206 -3.08 -10.70 -12.99
N ALA A 207 -2.78 -10.31 -11.75
CA ALA A 207 -1.83 -9.24 -11.51
C ALA A 207 -1.07 -9.47 -10.21
N VAL A 208 0.06 -8.81 -10.09
CA VAL A 208 0.88 -8.83 -8.88
C VAL A 208 0.85 -7.43 -8.24
N VAL A 209 0.73 -7.40 -6.92
CA VAL A 209 0.64 -6.14 -6.16
C VAL A 209 1.96 -5.93 -5.44
N ILE A 210 2.48 -4.71 -5.55
CA ILE A 210 3.82 -4.41 -5.01
C ILE A 210 3.76 -3.21 -4.07
N ASP A 211 4.83 -3.01 -3.31
CA ASP A 211 4.97 -1.87 -2.45
C ASP A 211 3.80 -1.70 -1.43
N PRO A 212 3.47 -2.75 -0.69
CA PRO A 212 2.35 -2.65 0.23
C PRO A 212 2.64 -1.81 1.46
N ALA A 213 1.56 -1.25 2.03
CA ALA A 213 1.57 -0.65 3.36
C ALA A 213 0.51 -1.46 4.16
N ALA A 214 0.80 -2.74 4.33
CA ALA A 214 -0.21 -3.75 4.64
C ALA A 214 -0.69 -3.62 6.08
N HIS A 215 -2.00 -3.80 6.27
CA HIS A 215 -2.56 -3.82 7.60
C HIS A 215 -3.99 -4.32 7.57
N GLY A 216 -4.55 -4.53 8.76
CA GLY A 216 -5.98 -4.76 8.92
C GLY A 216 -6.70 -3.45 8.68
N GLY A 217 -7.56 -3.43 7.67
CA GLY A 217 -8.21 -2.20 7.21
C GLY A 217 -9.56 -2.54 6.64
N HIS A 218 -10.29 -1.52 6.19
CA HIS A 218 -11.53 -1.76 5.50
C HIS A 218 -11.19 -2.14 4.07
N ARG A 219 -11.75 -3.25 3.61
CA ARG A 219 -11.45 -3.72 2.24
C ARG A 219 -11.84 -2.68 1.16
N GLU A 220 -12.85 -1.85 1.45
CA GLU A 220 -13.23 -0.77 0.54
C GLU A 220 -12.08 0.21 0.27
N ALA A 221 -11.12 0.33 1.21
CA ALA A 221 -9.96 1.19 1.04
C ALA A 221 -9.21 0.84 -0.23
N ASP A 222 -8.90 -0.44 -0.41
CA ASP A 222 -8.08 -0.85 -1.57
C ASP A 222 -8.82 -0.59 -2.88
N LEU A 223 -10.10 -0.93 -2.91
N LEU A 223 -10.10 -0.92 -2.91
CA LEU A 223 -10.90 -0.71 -4.11
CA LEU A 223 -10.92 -0.71 -4.09
C LEU A 223 -11.08 0.79 -4.40
C LEU A 223 -11.07 0.78 -4.40
N ALA A 224 -11.15 1.59 -3.35
CA ALA A 224 -11.28 3.04 -3.52
C ALA A 224 -9.96 3.62 -4.05
N LEU A 226 -7.86 1.96 -6.04
CA LEU A 226 -7.89 1.60 -7.47
C LEU A 226 -8.69 2.63 -8.27
N ALA A 227 -9.81 3.08 -7.69
CA ALA A 227 -10.65 4.04 -8.32
C ALA A 227 -10.01 5.44 -8.34
N LEU A 228 -9.34 5.83 -7.27
CA LEU A 228 -8.87 7.20 -7.13
C LEU A 228 -7.97 7.63 -8.31
N PHE A 229 -6.97 6.82 -8.64
CA PHE A 229 -6.08 7.13 -9.77
C PHE A 229 -6.38 6.27 -10.99
N GLY A 230 -7.43 5.48 -10.88
CA GLY A 230 -7.92 4.70 -12.02
C GLY A 230 -7.10 3.41 -12.18
N LEU A 231 -7.64 2.49 -12.98
CA LEU A 231 -7.00 1.22 -13.25
C LEU A 231 -7.51 0.70 -14.56
N PRO A 232 -6.65 0.09 -15.38
CA PRO A 232 -7.18 -0.59 -16.56
C PRO A 232 -8.22 -1.60 -16.16
N TYR A 233 -9.34 -1.63 -16.89
CA TYR A 233 -10.40 -2.63 -16.65
C TYR A 233 -10.92 -2.63 -15.20
N LEU A 234 -10.96 -1.45 -14.58
CA LEU A 234 -11.45 -1.32 -13.20
C LEU A 234 -12.77 -1.99 -12.96
N ASP A 235 -13.76 -1.75 -13.82
CA ASP A 235 -15.08 -2.34 -13.60
C ASP A 235 -15.07 -3.86 -13.68
N ARG A 236 -14.27 -4.44 -14.57
CA ARG A 236 -14.13 -5.89 -14.61
C ARG A 236 -13.50 -6.46 -13.34
N VAL A 237 -12.52 -5.75 -12.79
CA VAL A 237 -11.88 -6.19 -11.54
C VAL A 237 -12.93 -6.14 -10.44
N ARG A 238 -13.64 -5.02 -10.31
CA ARG A 238 -14.65 -4.86 -9.25
C ARG A 238 -15.81 -5.83 -9.41
N ASP A 239 -16.28 -6.04 -10.63
CA ASP A 239 -17.35 -6.99 -10.88
C ASP A 239 -16.96 -8.42 -10.47
N ALA A 240 -15.77 -8.85 -10.87
CA ALA A 240 -15.25 -10.18 -10.49
C ALA A 240 -15.06 -10.26 -8.97
N TYR A 241 -14.50 -9.21 -8.36
CA TYR A 241 -14.42 -9.13 -6.89
C TYR A 241 -15.77 -9.32 -6.20
N ASN A 242 -16.75 -8.56 -6.67
CA ASN A 242 -18.12 -8.60 -6.13
C ASN A 242 -18.84 -9.93 -6.36
N GLU A 243 -18.39 -10.74 -7.32
CA GLU A 243 -18.99 -12.06 -7.53
C GLU A 243 -18.72 -12.93 -6.34
N VAL A 244 -17.52 -12.81 -5.79
CA VAL A 244 -17.02 -13.74 -4.79
C VAL A 244 -17.05 -13.18 -3.36
N ALA A 245 -16.90 -11.87 -3.20
CA ALA A 245 -16.98 -11.22 -1.89
C ALA A 245 -17.73 -9.90 -2.03
N PRO A 246 -19.05 -9.97 -2.35
CA PRO A 246 -19.80 -8.75 -2.61
C PRO A 246 -19.62 -7.69 -1.54
N LEU A 247 -19.35 -6.46 -1.99
CA LEU A 247 -19.22 -5.35 -1.08
C LEU A 247 -20.61 -5.06 -0.43
N ALA A 248 -20.59 -4.48 0.76
CA ALA A 248 -21.79 -4.06 1.47
C ALA A 248 -22.54 -3.01 0.65
N GLU A 249 -23.86 -3.03 0.78
CA GLU A 249 -24.74 -2.13 0.05
C GLU A 249 -24.27 -0.68 0.24
N GLY A 250 -24.28 0.11 -0.82
CA GLY A 250 -23.93 1.53 -0.73
C GLY A 250 -22.45 1.84 -0.87
N TRP A 251 -21.65 0.81 -1.19
CA TRP A 251 -20.21 1.00 -1.35
C TRP A 251 -19.81 2.09 -2.33
N ARG A 252 -20.52 2.23 -3.45
N ARG A 252 -20.53 2.23 -3.45
CA ARG A 252 -20.13 3.27 -4.41
CA ARG A 252 -20.17 3.24 -4.43
C ARG A 252 -20.15 4.65 -3.80
C ARG A 252 -20.17 4.65 -3.85
N ALA A 253 -21.20 4.95 -3.05
CA ALA A 253 -21.34 6.25 -2.39
C ALA A 253 -20.25 6.52 -1.35
N ARG A 254 -19.72 5.44 -0.75
CA ARG A 254 -18.63 5.55 0.23
C ARG A 254 -17.20 5.65 -0.34
N ILE A 255 -17.06 5.58 -1.66
CA ILE A 255 -15.72 5.68 -2.27
C ILE A 255 -14.95 6.94 -1.84
N PRO A 256 -15.54 8.15 -1.94
CA PRO A 256 -14.78 9.32 -1.44
C PRO A 256 -14.27 9.24 0.01
N LEU A 257 -15.11 8.73 0.92
CA LEU A 257 -14.74 8.58 2.33
C LEU A 257 -13.44 7.85 2.44
N HIS A 258 -13.34 6.73 1.73
CA HIS A 258 -12.15 5.88 1.75
C HIS A 258 -10.93 6.42 1.01
N GLN A 259 -11.13 7.47 0.22
CA GLN A 259 -10.07 8.14 -0.49
C GLN A 259 -9.44 9.28 0.31
N LEU A 260 -10.02 9.63 1.45
CA LEU A 260 -9.50 10.74 2.23
C LEU A 260 -8.11 10.47 2.80
N HIS A 261 -7.89 9.25 3.29
CA HIS A 261 -6.58 8.89 3.84
C HIS A 261 -5.48 9.05 2.77
N PRO A 262 -5.59 8.33 1.61
CA PRO A 262 -4.53 8.49 0.61
C PRO A 262 -4.36 9.90 0.15
N LEU A 263 -5.46 10.65 0.01
CA LEU A 263 -5.33 12.03 -0.45
C LEU A 263 -4.57 12.95 0.52
N LEU A 264 -4.81 12.77 1.81
CA LEU A 264 -4.05 13.49 2.84
C LEU A 264 -2.56 13.11 2.85
N VAL A 265 -2.27 11.84 2.65
CA VAL A 265 -0.89 11.40 2.51
C VAL A 265 -0.24 12.08 1.30
N HIS A 266 -0.96 12.19 0.20
CA HIS A 266 -0.39 12.79 -1.03
C HIS A 266 -0.09 14.28 -0.81
N VAL A 267 -1.00 14.96 -0.14
CA VAL A 267 -0.82 16.38 0.16
C VAL A 267 0.41 16.51 1.07
N CYS A 268 0.54 15.60 2.03
CA CYS A 268 1.75 15.61 2.88
C CYS A 268 3.05 15.42 2.13
N LEU A 269 3.08 14.41 1.26
CA LEU A 269 4.28 14.00 0.55
C LEU A 269 4.61 14.85 -0.66
N PHE A 270 3.59 15.33 -1.36
CA PHE A 270 3.78 15.92 -2.70
C PHE A 270 3.26 17.34 -2.83
N GLY A 271 2.52 17.81 -1.85
CA GLY A 271 2.15 19.21 -1.75
C GLY A 271 0.80 19.58 -2.35
N ALA A 272 0.72 20.84 -2.74
CA ALA A 272 -0.51 21.51 -3.19
C ALA A 272 -1.27 20.83 -4.32
N ALA A 273 -0.57 20.12 -5.21
CA ALA A 273 -1.19 19.53 -6.40
C ALA A 273 -2.51 18.81 -6.09
N TYR A 274 -2.55 18.18 -4.92
CA TYR A 274 -3.65 17.32 -4.52
C TYR A 274 -4.63 17.98 -3.57
N ARG A 275 -4.41 19.24 -3.21
CA ARG A 275 -5.32 19.94 -2.31
C ARG A 275 -6.75 20.02 -2.83
N THR A 276 -6.93 20.51 -4.05
CA THR A 276 -8.31 20.68 -4.51
C THR A 276 -9.05 19.32 -4.58
N THR A 277 -8.34 18.26 -4.96
CA THR A 277 -8.97 16.92 -4.99
C THR A 277 -9.38 16.50 -3.57
N LEU A 278 -8.50 16.73 -2.62
CA LEU A 278 -8.83 16.46 -1.21
C LEU A 278 -10.11 17.22 -0.82
N VAL A 279 -10.16 18.52 -1.10
CA VAL A 279 -11.31 19.32 -0.72
C VAL A 279 -12.58 18.81 -1.38
N ASP A 280 -12.50 18.55 -2.68
CA ASP A 280 -13.65 18.10 -3.45
C ASP A 280 -14.16 16.75 -2.91
N THR A 281 -13.21 15.88 -2.54
CA THR A 281 -13.55 14.52 -2.06
C THR A 281 -14.20 14.56 -0.65
N ALA A 282 -13.69 15.44 0.21
CA ALA A 282 -14.27 15.70 1.52
C ALA A 282 -15.69 16.21 1.37
N ARG A 283 -15.90 17.20 0.49
CA ARG A 283 -17.25 17.67 0.21
C ARG A 283 -18.19 16.55 -0.26
N ALA A 284 -17.67 15.72 -1.16
CA ALA A 284 -18.42 14.59 -1.69
C ALA A 284 -18.78 13.57 -0.61
N ALA A 285 -17.80 13.22 0.24
CA ALA A 285 -18.05 12.35 1.38
C ALA A 285 -19.18 12.90 2.28
N LEU A 286 -19.14 14.20 2.54
CA LEU A 286 -20.15 14.80 3.43
C LEU A 286 -21.57 14.65 2.91
N ARG A 287 -21.73 14.72 1.60
CA ARG A 287 -23.05 14.70 1.01
C ARG A 287 -23.42 13.30 0.51
N ALA A 288 -22.59 12.30 0.84
CA ALA A 288 -22.79 10.93 0.34
C ALA A 288 -24.00 10.23 0.95
#